data_8J3I
#
_entry.id   8J3I
#
_cell.length_a   99.467
_cell.length_b   99.467
_cell.length_c   99.030
_cell.angle_alpha   90.00
_cell.angle_beta   90.00
_cell.angle_gamma   120.00
#
_symmetry.space_group_name_H-M   'P 31 2 1'
#
loop_
_entity.id
_entity.type
_entity.pdbx_description
1 polymer '(S)-scoulerine 9-O-methyltransferase'
2 water water
#
_entity_poly.entity_id   1
_entity_poly.type   'polypeptide(L)'
_entity_poly.pdbx_seq_one_letter_code
;MAAQEGVNYLSGLGLSRLICLPMALRAAIELNVFEIISQAGPDAQLSPSDIVAKIPTKNPSAAISLDRILRMLGASSILS
VSTTKSGRVYGLNEESRCLVASEDKVSVVPMLLFTSDKAVVESFYNIKDVVLEEGVIPFDRTHGMDFFQYAGKEQRVNKS
FNQAMGAGSTIAFDEVFEVYKGFDNLKELVDVGGGIGTSLSNIVAKYPHIRGINFELPHVIGDAPDYPGVEHVPGDMFEG
VPNAQNILLKWVLHDWDDDRSIKILKNCWKALPENGTVIVIEFVLPQVLGNNAESFNALTPDLLMMALNPGGKERTTIEF
DGLAKAAGFAETKFFPISQGLHVMEFHKINC
;
_entity_poly.pdbx_strand_id   A
#
# COMPACT_ATOMS: atom_id res chain seq x y z
N GLY A 6 -17.01 30.09 -25.16
CA GLY A 6 -15.94 29.59 -25.99
C GLY A 6 -15.24 28.36 -25.41
N VAL A 7 -15.85 27.19 -25.59
CA VAL A 7 -15.39 25.95 -24.97
C VAL A 7 -15.03 24.96 -26.07
N ASN A 8 -13.91 24.28 -25.88
CA ASN A 8 -13.44 23.29 -26.85
C ASN A 8 -13.81 21.91 -26.31
N TYR A 9 -14.91 21.37 -26.83
CA TYR A 9 -15.35 20.03 -26.44
C TYR A 9 -14.50 18.96 -27.13
N LEU A 10 -13.91 19.28 -28.30
CA LEU A 10 -13.12 18.29 -29.03
C LEU A 10 -12.05 17.68 -28.13
N SER A 11 -11.19 18.52 -27.56
CA SER A 11 -10.21 18.04 -26.58
C SER A 11 -10.85 17.48 -25.30
N GLY A 12 -12.17 17.60 -25.13
CA GLY A 12 -12.79 16.92 -24.02
C GLY A 12 -12.74 15.41 -24.19
N LEU A 13 -13.02 14.94 -25.41
CA LEU A 13 -12.96 13.51 -25.74
C LEU A 13 -11.64 12.88 -25.36
N GLY A 14 -10.60 13.67 -25.17
CA GLY A 14 -9.35 13.12 -24.69
C GLY A 14 -9.39 12.60 -23.28
N LEU A 15 -10.38 13.02 -22.47
CA LEU A 15 -10.42 12.55 -21.09
C LEU A 15 -10.68 11.04 -21.00
N SER A 16 -11.20 10.43 -22.08
CA SER A 16 -11.31 8.97 -22.13
C SER A 16 -9.97 8.27 -22.00
N ARG A 17 -8.87 9.02 -22.14
CA ARG A 17 -7.54 8.50 -21.85
C ARG A 17 -7.40 8.05 -20.40
N LEU A 18 -8.20 8.63 -19.49
CA LEU A 18 -8.00 8.37 -18.07
C LEU A 18 -8.31 6.92 -17.72
N ILE A 19 -9.43 6.39 -18.21
CA ILE A 19 -9.71 4.97 -18.04
C ILE A 19 -8.82 4.08 -18.94
N CYS A 20 -8.32 4.58 -20.08
CA CYS A 20 -7.53 3.70 -20.96
C CYS A 20 -6.15 3.42 -20.38
N LEU A 21 -5.44 4.48 -19.95
CA LEU A 21 -4.09 4.42 -19.44
C LEU A 21 -3.91 3.28 -18.43
N PRO A 22 -4.57 3.29 -17.27
CA PRO A 22 -4.27 2.23 -16.30
C PRO A 22 -4.52 0.85 -16.85
N MET A 23 -5.43 0.68 -17.81
CA MET A 23 -5.62 -0.63 -18.42
C MET A 23 -4.53 -0.95 -19.45
N ALA A 24 -3.97 0.07 -20.09
CA ALA A 24 -2.76 -0.12 -20.88
C ALA A 24 -1.60 -0.51 -19.97
N LEU A 25 -1.51 0.11 -18.79
CA LEU A 25 -0.43 -0.23 -17.88
C LEU A 25 -0.59 -1.65 -17.37
N ARG A 26 -1.83 -2.04 -17.08
CA ARG A 26 -2.07 -3.38 -16.59
C ARG A 26 -1.66 -4.42 -17.63
N ALA A 27 -1.96 -4.17 -18.90
CA ALA A 27 -1.58 -5.12 -19.95
C ALA A 27 -0.07 -5.25 -20.03
N ALA A 28 0.64 -4.12 -20.13
CA ALA A 28 2.09 -4.15 -20.19
C ALA A 28 2.69 -4.87 -18.99
N ILE A 29 2.16 -4.65 -17.79
CA ILE A 29 2.66 -5.36 -16.61
C ILE A 29 2.48 -6.87 -16.78
N GLU A 30 1.30 -7.28 -17.25
CA GLU A 30 1.01 -8.71 -17.31
C GLU A 30 1.79 -9.39 -18.43
N LEU A 31 2.31 -8.59 -19.36
CA LEU A 31 3.13 -9.08 -20.44
C LEU A 31 4.61 -9.00 -20.11
N ASN A 32 4.96 -8.60 -18.89
CA ASN A 32 6.36 -8.46 -18.48
C ASN A 32 7.12 -7.46 -19.32
N VAL A 33 6.43 -6.56 -20.02
CA VAL A 33 7.07 -5.56 -20.87
C VAL A 33 8.26 -4.92 -20.15
N PHE A 34 8.05 -4.57 -18.88
CA PHE A 34 9.00 -3.76 -18.13
C PHE A 34 10.24 -4.56 -17.73
N GLU A 35 10.07 -5.82 -17.34
CA GLU A 35 11.25 -6.63 -17.05
C GLU A 35 12.11 -6.82 -18.30
N ILE A 36 11.48 -7.24 -19.41
CA ILE A 36 12.19 -7.36 -20.68
C ILE A 36 13.05 -6.14 -20.95
N ILE A 37 12.49 -4.95 -20.77
CA ILE A 37 13.26 -3.73 -21.04
C ILE A 37 14.44 -3.59 -20.07
N SER A 38 14.28 -4.02 -18.83
CA SER A 38 15.39 -3.83 -17.88
C SER A 38 16.48 -4.89 -18.07
N GLN A 39 16.10 -6.13 -18.37
CA GLN A 39 17.09 -7.17 -18.63
C GLN A 39 17.98 -6.86 -19.83
N ALA A 40 17.66 -5.78 -20.57
CA ALA A 40 18.47 -5.32 -21.68
C ALA A 40 19.39 -4.17 -21.30
N GLY A 41 19.70 -4.01 -20.01
CA GLY A 41 20.58 -2.96 -19.56
C GLY A 41 19.89 -1.62 -19.41
N PRO A 42 20.41 -0.77 -18.52
CA PRO A 42 19.83 0.55 -18.30
C PRO A 42 19.94 1.42 -19.55
N ASP A 43 19.26 2.57 -19.50
CA ASP A 43 19.14 3.51 -20.61
C ASP A 43 19.07 2.68 -21.89
N ALA A 44 18.28 1.65 -21.94
CA ALA A 44 18.16 0.77 -23.10
C ALA A 44 16.71 1.06 -23.48
N GLN A 45 16.52 1.67 -24.63
CA GLN A 45 15.19 1.74 -25.23
C GLN A 45 15.06 0.59 -26.22
N LEU A 46 13.97 -0.16 -26.14
CA LEU A 46 13.74 -1.32 -27.00
C LEU A 46 12.61 -1.03 -27.97
N SER A 47 12.68 -1.72 -29.12
CA SER A 47 11.66 -1.77 -30.16
C SER A 47 10.51 -2.68 -29.71
N PRO A 48 9.31 -2.44 -30.23
CA PRO A 48 8.24 -3.44 -30.04
C PRO A 48 8.66 -4.84 -30.49
N SER A 49 9.26 -4.98 -31.69
CA SER A 49 9.72 -6.29 -32.18
C SER A 49 10.71 -6.93 -31.22
N ASP A 50 11.67 -6.15 -30.72
CA ASP A 50 12.59 -6.62 -29.68
C ASP A 50 11.82 -7.13 -28.46
N ILE A 51 10.91 -6.32 -27.93
CA ILE A 51 10.17 -6.72 -26.72
C ILE A 51 9.37 -7.97 -26.98
N VAL A 52 8.65 -8.02 -28.12
CA VAL A 52 7.80 -9.19 -28.32
C VAL A 52 8.66 -10.43 -28.56
N ALA A 53 9.87 -10.24 -29.09
CA ALA A 53 10.82 -11.35 -29.21
C ALA A 53 10.91 -12.15 -27.91
N LYS A 54 10.88 -11.47 -26.76
CA LYS A 54 10.97 -12.14 -25.48
C LYS A 54 9.61 -12.60 -24.95
N ILE A 55 8.53 -12.20 -25.62
CA ILE A 55 7.19 -12.54 -25.18
C ILE A 55 6.81 -13.87 -25.79
N PRO A 56 6.32 -14.83 -25.01
CA PRO A 56 5.97 -16.13 -25.60
C PRO A 56 4.69 -16.08 -26.42
N THR A 57 4.78 -15.63 -27.66
CA THR A 57 3.65 -15.68 -28.58
C THR A 57 4.08 -16.13 -29.98
N LYS A 58 3.14 -16.77 -30.68
CA LYS A 58 3.30 -17.13 -32.08
C LYS A 58 2.59 -16.17 -33.04
N ASN A 59 1.65 -15.34 -32.54
CA ASN A 59 0.95 -14.30 -33.28
C ASN A 59 1.88 -13.54 -34.22
N PRO A 60 1.62 -13.60 -35.54
CA PRO A 60 2.39 -12.77 -36.49
C PRO A 60 2.42 -11.31 -36.09
N SER A 61 1.23 -10.71 -35.98
CA SER A 61 1.10 -9.28 -35.68
C SER A 61 1.09 -9.04 -34.17
N ALA A 62 2.10 -9.58 -33.49
CA ALA A 62 2.25 -9.31 -32.08
C ALA A 62 2.94 -7.97 -31.86
N ALA A 63 4.02 -7.70 -32.59
CA ALA A 63 4.69 -6.43 -32.44
C ALA A 63 3.76 -5.27 -32.79
N ILE A 64 2.91 -5.44 -33.81
CA ILE A 64 2.01 -4.34 -34.17
C ILE A 64 1.03 -4.09 -33.03
N SER A 65 0.35 -5.14 -32.59
CA SER A 65 -0.58 -5.03 -31.48
C SER A 65 0.10 -4.43 -30.26
N LEU A 66 1.29 -4.94 -29.91
CA LEU A 66 1.97 -4.48 -28.71
C LEU A 66 2.18 -2.97 -28.70
N ASP A 67 2.48 -2.39 -29.86
CA ASP A 67 2.74 -0.95 -29.89
C ASP A 67 1.50 -0.14 -29.50
N ARG A 68 0.31 -0.62 -29.86
CA ARG A 68 -0.91 0.09 -29.51
C ARG A 68 -0.97 0.35 -28.02
N ILE A 69 -0.58 -0.65 -27.22
CA ILE A 69 -0.41 -0.48 -25.78
C ILE A 69 0.78 0.42 -25.47
N LEU A 70 1.95 0.13 -26.06
CA LEU A 70 3.17 0.80 -25.65
C LEU A 70 3.10 2.30 -25.92
N ARG A 71 2.65 2.69 -27.11
CA ARG A 71 2.69 4.12 -27.45
C ARG A 71 1.69 4.94 -26.64
N MET A 72 0.73 4.32 -25.97
CA MET A 72 -0.08 5.06 -25.02
C MET A 72 0.69 5.32 -23.74
N LEU A 73 1.34 4.27 -23.21
CA LEU A 73 2.23 4.44 -22.08
C LEU A 73 3.26 5.53 -22.35
N GLY A 74 3.91 5.48 -23.51
CA GLY A 74 4.90 6.49 -23.84
C GLY A 74 4.31 7.87 -23.98
N ALA A 75 3.12 7.98 -24.58
CA ALA A 75 2.48 9.28 -24.74
C ALA A 75 2.26 9.96 -23.39
N SER A 76 1.81 9.20 -22.39
CA SER A 76 1.61 9.74 -21.06
C SER A 76 2.80 9.47 -20.14
N SER A 77 4.00 9.36 -20.71
CA SER A 77 5.25 9.48 -19.96
C SER A 77 5.48 8.36 -18.95
N ILE A 78 4.95 7.17 -19.21
CA ILE A 78 5.27 6.02 -18.38
C ILE A 78 6.50 5.30 -18.94
N LEU A 79 6.73 5.42 -20.26
CA LEU A 79 7.96 5.00 -20.91
C LEU A 79 8.66 6.20 -21.54
N SER A 80 9.98 6.16 -21.55
CA SER A 80 10.74 7.06 -22.39
C SER A 80 10.60 6.64 -23.85
N VAL A 81 10.54 7.62 -24.73
CA VAL A 81 10.30 7.41 -26.15
C VAL A 81 11.40 8.09 -26.96
N SER A 82 12.02 7.35 -27.88
CA SER A 82 12.78 7.92 -28.99
C SER A 82 12.23 7.39 -30.30
N THR A 83 12.54 8.12 -31.37
CA THR A 83 11.96 7.91 -32.70
C THR A 83 13.06 7.55 -33.70
N THR A 84 13.42 6.26 -33.79
CA THR A 84 14.32 5.86 -34.85
C THR A 84 13.58 5.94 -36.17
N LYS A 85 14.23 5.47 -37.22
CA LYS A 85 13.56 5.38 -38.51
C LYS A 85 12.65 4.16 -38.55
N SER A 86 13.13 3.02 -38.02
CA SER A 86 12.34 1.80 -38.06
C SER A 86 11.02 1.93 -37.31
N GLY A 87 10.95 2.83 -36.34
CA GLY A 87 9.74 2.99 -35.55
C GLY A 87 10.04 3.66 -34.22
N ARG A 88 9.17 3.41 -33.24
CA ARG A 88 9.38 3.93 -31.90
C ARG A 88 10.12 2.92 -31.02
N VAL A 89 10.83 3.45 -30.03
CA VAL A 89 11.69 2.65 -29.17
C VAL A 89 11.53 3.14 -27.71
N TYR A 90 11.31 2.19 -26.79
CA TYR A 90 10.76 2.49 -25.46
C TYR A 90 11.69 2.00 -24.35
N GLY A 91 12.03 2.91 -23.43
CA GLY A 91 12.79 2.56 -22.26
C GLY A 91 12.06 2.89 -20.96
N LEU A 92 12.70 2.53 -19.84
CA LEU A 92 12.19 2.87 -18.52
C LEU A 92 12.65 4.26 -18.11
N ASN A 93 11.79 4.97 -17.38
CA ASN A 93 12.10 6.26 -16.78
C ASN A 93 11.79 6.18 -15.30
N GLU A 94 11.96 7.30 -14.60
CA GLU A 94 11.79 7.29 -13.14
C GLU A 94 10.43 6.74 -12.71
N GLU A 95 9.41 6.85 -13.58
CA GLU A 95 8.10 6.29 -13.25
C GLU A 95 8.10 4.76 -13.32
N SER A 96 8.69 4.20 -14.37
CA SER A 96 8.50 2.78 -14.64
C SER A 96 9.58 1.90 -14.06
N ARG A 97 10.73 2.45 -13.63
CA ARG A 97 11.76 1.64 -12.99
C ARG A 97 11.26 0.95 -11.72
N CYS A 98 10.22 1.49 -11.09
CA CYS A 98 9.71 0.83 -9.89
C CYS A 98 8.79 -0.33 -10.21
N LEU A 99 8.64 -0.65 -11.49
CA LEU A 99 7.85 -1.80 -11.91
C LEU A 99 8.68 -3.05 -12.07
N VAL A 100 10.00 -2.95 -11.89
CA VAL A 100 10.86 -4.13 -11.92
C VAL A 100 11.51 -4.26 -10.55
N ALA A 101 11.45 -5.47 -9.99
CA ALA A 101 12.18 -5.76 -8.77
C ALA A 101 13.67 -5.74 -9.06
N SER A 102 14.47 -5.91 -8.02
CA SER A 102 15.91 -6.03 -8.14
C SER A 102 16.38 -6.77 -6.90
N GLU A 103 16.82 -8.01 -7.09
CA GLU A 103 17.11 -8.93 -5.99
C GLU A 103 15.85 -8.99 -5.12
N ASP A 104 15.98 -8.86 -3.79
CA ASP A 104 14.86 -8.94 -2.88
C ASP A 104 14.05 -7.66 -2.80
N LYS A 105 14.56 -6.56 -3.37
CA LYS A 105 13.77 -5.34 -3.40
C LYS A 105 12.57 -5.55 -4.31
N VAL A 106 11.43 -5.97 -3.76
CA VAL A 106 10.27 -6.25 -4.59
C VAL A 106 9.71 -4.93 -5.13
N SER A 107 9.01 -5.03 -6.26
CA SER A 107 8.45 -3.89 -6.96
C SER A 107 7.04 -3.61 -6.46
N VAL A 108 6.46 -2.51 -6.96
CA VAL A 108 5.08 -2.15 -6.64
C VAL A 108 4.06 -2.92 -7.45
N VAL A 109 4.49 -3.81 -8.37
CA VAL A 109 3.55 -4.54 -9.22
C VAL A 109 2.41 -5.18 -8.44
N PRO A 110 2.63 -5.98 -7.39
CA PRO A 110 1.48 -6.58 -6.68
C PRO A 110 0.44 -5.57 -6.18
N MET A 111 0.88 -4.36 -5.84
CA MET A 111 -0.04 -3.35 -5.36
C MET A 111 -0.83 -2.74 -6.51
N LEU A 112 -0.16 -2.49 -7.64
CA LEU A 112 -0.85 -2.00 -8.83
C LEU A 112 -1.84 -3.01 -9.36
N LEU A 113 -1.50 -4.29 -9.25
CA LEU A 113 -2.38 -5.32 -9.75
C LEU A 113 -3.57 -5.51 -8.83
N PHE A 114 -3.38 -5.31 -7.52
CA PHE A 114 -4.54 -5.37 -6.62
C PHE A 114 -5.47 -4.19 -6.83
N THR A 115 -4.95 -2.96 -6.77
CA THR A 115 -5.83 -1.81 -6.79
C THR A 115 -6.54 -1.64 -8.11
N SER A 116 -6.24 -2.46 -9.11
CA SER A 116 -6.92 -2.41 -10.40
C SER A 116 -7.62 -3.73 -10.69
N ASP A 117 -7.86 -4.54 -9.66
CA ASP A 117 -8.45 -5.85 -9.84
C ASP A 117 -9.93 -5.74 -10.16
N LYS A 118 -10.41 -6.66 -10.99
CA LYS A 118 -11.82 -6.75 -11.36
C LYS A 118 -12.75 -6.49 -10.18
N ALA A 119 -12.51 -7.16 -9.05
CA ALA A 119 -13.40 -7.00 -7.92
C ALA A 119 -13.39 -5.57 -7.42
N VAL A 120 -12.17 -5.05 -7.16
CA VAL A 120 -12.03 -3.67 -6.71
C VAL A 120 -12.64 -2.71 -7.72
N VAL A 121 -12.23 -2.80 -8.97
CA VAL A 121 -12.68 -1.83 -9.97
C VAL A 121 -14.20 -1.83 -10.09
N GLU A 122 -14.83 -3.00 -10.04
CA GLU A 122 -16.28 -3.04 -10.19
C GLU A 122 -16.97 -2.40 -9.00
N SER A 123 -16.32 -2.45 -7.85
CA SER A 123 -16.86 -1.81 -6.67
C SER A 123 -16.66 -0.29 -6.71
N PHE A 124 -15.75 0.21 -7.56
CA PHE A 124 -15.52 1.64 -7.72
C PHE A 124 -16.65 2.33 -8.47
N TYR A 125 -17.54 1.55 -9.11
CA TYR A 125 -18.67 2.14 -9.81
C TYR A 125 -19.73 2.68 -8.85
N ASN A 126 -19.63 2.38 -7.55
CA ASN A 126 -20.65 2.73 -6.59
C ASN A 126 -20.09 3.60 -5.49
N ILE A 127 -18.89 4.16 -5.64
CA ILE A 127 -18.38 4.99 -4.57
C ILE A 127 -19.23 6.24 -4.36
N LYS A 128 -20.10 6.59 -5.32
CA LYS A 128 -20.95 7.76 -5.14
C LYS A 128 -22.03 7.47 -4.09
N ASP A 129 -22.42 6.19 -3.99
CA ASP A 129 -23.35 5.74 -2.97
C ASP A 129 -22.90 6.14 -1.57
N VAL A 130 -21.59 6.22 -1.33
CA VAL A 130 -21.09 6.67 -0.04
C VAL A 130 -21.54 8.10 0.24
N VAL A 131 -21.54 8.95 -0.79
CA VAL A 131 -22.03 10.31 -0.60
C VAL A 131 -23.54 10.31 -0.41
N LEU A 132 -24.24 9.51 -1.19
CA LEU A 132 -25.69 9.57 -1.25
C LEU A 132 -26.32 8.94 -0.01
N GLU A 133 -25.94 7.71 0.33
CA GLU A 133 -26.55 6.92 1.40
C GLU A 133 -25.55 6.69 2.52
N GLU A 134 -25.89 7.18 3.71
CA GLU A 134 -24.97 7.12 4.84
C GLU A 134 -24.66 5.69 5.25
N GLY A 135 -23.40 5.44 5.56
CA GLY A 135 -22.94 4.11 5.96
C GLY A 135 -22.96 3.03 4.90
N VAL A 136 -23.32 3.32 3.65
CA VAL A 136 -23.28 2.28 2.62
C VAL A 136 -21.83 1.94 2.28
N ILE A 137 -21.58 0.67 1.95
CA ILE A 137 -20.26 0.18 1.57
C ILE A 137 -20.30 -0.23 0.11
N PRO A 138 -19.59 0.47 -0.78
CA PRO A 138 -19.74 0.18 -2.21
C PRO A 138 -19.36 -1.25 -2.58
N PHE A 139 -18.29 -1.78 -1.99
CA PHE A 139 -17.90 -3.15 -2.32
C PHE A 139 -18.98 -4.14 -1.93
N ASP A 140 -19.62 -3.92 -0.78
CA ASP A 140 -20.63 -4.85 -0.30
C ASP A 140 -21.92 -4.74 -1.10
N ARG A 141 -22.33 -3.51 -1.46
CA ARG A 141 -23.40 -3.37 -2.43
C ARG A 141 -23.07 -4.11 -3.72
N THR A 142 -21.87 -3.85 -4.26
CA THR A 142 -21.52 -4.39 -5.57
C THR A 142 -21.54 -5.91 -5.57
N HIS A 143 -20.95 -6.53 -4.55
CA HIS A 143 -20.78 -7.97 -4.53
C HIS A 143 -21.68 -8.68 -3.54
N GLY A 144 -22.49 -7.95 -2.77
CA GLY A 144 -23.41 -8.60 -1.86
C GLY A 144 -22.73 -9.44 -0.81
N MET A 145 -21.55 -9.02 -0.36
CA MET A 145 -20.82 -9.68 0.72
C MET A 145 -19.61 -8.83 1.12
N ASP A 146 -19.19 -8.97 2.37
CA ASP A 146 -17.99 -8.34 2.91
C ASP A 146 -16.81 -8.58 1.96
N PHE A 147 -15.80 -7.71 2.02
CA PHE A 147 -14.65 -7.91 1.16
C PHE A 147 -13.92 -9.19 1.51
N PHE A 148 -13.74 -9.45 2.82
CA PHE A 148 -12.94 -10.59 3.21
C PHE A 148 -13.69 -11.89 2.92
N GLN A 149 -15.01 -11.88 3.02
CA GLN A 149 -15.80 -12.98 2.49
C GLN A 149 -15.47 -13.23 1.02
N TYR A 150 -15.38 -12.16 0.22
CA TYR A 150 -15.08 -12.33 -1.19
C TYR A 150 -13.67 -12.84 -1.40
N ALA A 151 -12.76 -12.55 -0.46
CA ALA A 151 -11.42 -13.12 -0.53
C ALA A 151 -11.48 -14.64 -0.39
N GLY A 152 -12.23 -15.12 0.62
CA GLY A 152 -12.30 -16.55 0.87
C GLY A 152 -12.89 -17.34 -0.27
N LYS A 153 -13.95 -16.81 -0.90
CA LYS A 153 -14.61 -17.55 -1.97
C LYS A 153 -13.78 -17.57 -3.24
N GLU A 154 -13.19 -16.44 -3.63
CA GLU A 154 -12.39 -16.36 -4.85
C GLU A 154 -10.94 -16.08 -4.48
N GLN A 155 -10.06 -17.02 -4.82
CA GLN A 155 -8.70 -17.00 -4.28
C GLN A 155 -7.78 -16.06 -5.05
N ARG A 156 -8.01 -15.86 -6.34
CA ARG A 156 -7.27 -14.83 -7.05
C ARG A 156 -7.33 -13.49 -6.33
N VAL A 157 -8.51 -13.15 -5.81
CA VAL A 157 -8.67 -11.90 -5.10
C VAL A 157 -7.98 -11.96 -3.75
N ASN A 158 -8.01 -13.14 -3.10
CA ASN A 158 -7.33 -13.25 -1.82
C ASN A 158 -5.81 -13.20 -1.99
N LYS A 159 -5.28 -13.86 -3.02
CA LYS A 159 -3.83 -13.91 -3.18
C LYS A 159 -3.27 -12.55 -3.57
N SER A 160 -3.95 -11.83 -4.45
CA SER A 160 -3.45 -10.50 -4.82
C SER A 160 -3.48 -9.54 -3.64
N PHE A 161 -4.48 -9.65 -2.77
CA PHE A 161 -4.54 -8.74 -1.63
C PHE A 161 -3.34 -8.93 -0.71
N ASN A 162 -3.08 -10.17 -0.29
CA ASN A 162 -1.95 -10.44 0.59
C ASN A 162 -0.61 -10.14 -0.07
N GLN A 163 -0.48 -10.35 -1.39
CA GLN A 163 0.73 -9.92 -2.08
C GLN A 163 0.86 -8.40 -2.08
N ALA A 164 -0.22 -7.70 -2.44
CA ALA A 164 -0.20 -6.24 -2.41
C ALA A 164 0.30 -5.72 -1.07
N MET A 165 -0.39 -6.07 0.04
CA MET A 165 0.02 -5.51 1.33
C MET A 165 1.40 -6.01 1.72
N GLY A 166 1.66 -7.28 1.51
CA GLY A 166 3.00 -7.80 1.72
C GLY A 166 4.06 -6.96 1.02
N ALA A 167 3.95 -6.82 -0.30
CA ALA A 167 4.82 -5.90 -1.04
C ALA A 167 4.85 -4.54 -0.34
N GLY A 168 3.74 -3.81 -0.40
CA GLY A 168 3.52 -2.56 0.33
C GLY A 168 4.27 -2.40 1.65
N SER A 169 4.19 -3.40 2.53
CA SER A 169 4.81 -3.27 3.85
C SER A 169 6.33 -3.27 3.75
N THR A 170 6.91 -4.19 2.96
CA THR A 170 8.37 -4.23 2.88
C THR A 170 8.95 -3.04 2.13
N ILE A 171 8.29 -2.52 1.07
CA ILE A 171 8.75 -1.23 0.51
C ILE A 171 8.76 -0.14 1.59
N ALA A 172 7.71 -0.07 2.42
CA ALA A 172 7.67 0.99 3.43
C ALA A 172 8.74 0.79 4.50
N PHE A 173 8.91 -0.46 4.97
CA PHE A 173 9.88 -0.71 6.03
C PHE A 173 11.31 -0.44 5.58
N ASP A 174 11.68 -0.85 4.37
CA ASP A 174 13.02 -0.55 3.87
C ASP A 174 13.36 0.93 3.99
N GLU A 175 12.36 1.80 3.87
CA GLU A 175 12.66 3.22 4.02
C GLU A 175 12.64 3.64 5.48
N VAL A 176 11.77 3.04 6.31
CA VAL A 176 11.78 3.44 7.72
C VAL A 176 13.07 2.98 8.37
N PHE A 177 13.65 1.86 7.93
CA PHE A 177 14.86 1.40 8.59
C PHE A 177 16.02 2.33 8.32
N GLU A 178 16.09 2.88 7.11
CA GLU A 178 17.15 3.83 6.78
C GLU A 178 17.03 5.11 7.58
N VAL A 179 15.80 5.58 7.81
CA VAL A 179 15.57 6.93 8.24
C VAL A 179 15.10 7.02 9.69
N TYR A 180 14.28 6.06 10.15
CA TYR A 180 13.72 6.11 11.50
C TYR A 180 14.66 5.46 12.50
N LYS A 181 15.10 6.24 13.49
CA LYS A 181 16.02 5.74 14.49
C LYS A 181 15.34 5.40 15.80
N GLY A 182 14.04 5.60 15.91
CA GLY A 182 13.37 5.27 17.14
C GLY A 182 13.32 3.79 17.51
N PHE A 183 13.94 2.91 16.74
CA PHE A 183 13.95 1.50 17.07
C PHE A 183 15.19 1.10 17.86
N ASP A 184 16.19 1.97 17.89
CA ASP A 184 17.53 1.56 18.26
C ASP A 184 17.66 1.22 19.75
N ASN A 185 16.75 1.70 20.59
CA ASN A 185 16.92 1.56 22.03
C ASN A 185 15.67 1.00 22.68
N LEU A 186 14.96 0.12 22.00
CA LEU A 186 13.88 -0.61 22.63
C LEU A 186 14.38 -1.95 23.14
N LYS A 187 13.56 -2.60 23.97
CA LYS A 187 13.77 -3.99 24.34
C LYS A 187 12.47 -4.77 24.35
N GLU A 188 11.37 -4.18 23.90
CA GLU A 188 10.10 -4.88 23.83
C GLU A 188 9.18 -4.10 22.91
N LEU A 189 8.49 -4.82 22.03
CA LEU A 189 7.58 -4.18 21.11
C LEU A 189 6.42 -5.14 20.86
N VAL A 190 5.21 -4.70 21.18
CA VAL A 190 4.01 -5.45 20.84
C VAL A 190 3.48 -4.90 19.53
N ASP A 191 3.44 -5.73 18.51
CA ASP A 191 2.82 -5.34 17.25
C ASP A 191 1.34 -5.65 17.35
N VAL A 192 0.48 -4.64 17.26
CA VAL A 192 -0.95 -4.88 17.33
C VAL A 192 -1.45 -5.23 15.94
N GLY A 193 -2.05 -6.41 15.80
CA GLY A 193 -2.51 -6.87 14.51
C GLY A 193 -1.38 -7.42 13.67
N GLY A 194 -0.50 -8.21 14.27
CA GLY A 194 0.73 -8.59 13.60
C GLY A 194 0.66 -9.77 12.65
N GLY A 195 -0.48 -10.45 12.58
CA GLY A 195 -0.62 -11.59 11.68
C GLY A 195 0.04 -12.83 12.24
N ILE A 196 0.83 -13.50 11.40
CA ILE A 196 1.71 -14.56 11.86
C ILE A 196 3.04 -14.02 12.35
N GLY A 197 3.24 -12.71 12.24
CA GLY A 197 4.40 -12.07 12.80
C GLY A 197 5.54 -11.80 11.84
N THR A 198 5.38 -12.05 10.54
CA THR A 198 6.53 -11.96 9.65
C THR A 198 7.07 -10.53 9.61
N SER A 199 6.20 -9.51 9.55
CA SER A 199 6.71 -8.13 9.58
C SER A 199 7.50 -7.87 10.86
N LEU A 200 7.02 -8.43 11.97
CA LEU A 200 7.65 -8.21 13.26
C LEU A 200 8.97 -8.97 13.34
N SER A 201 8.96 -10.24 12.88
CA SER A 201 10.21 -11.01 12.89
C SER A 201 11.28 -10.37 12.01
N ASN A 202 10.87 -9.61 11.00
CA ASN A 202 11.81 -8.79 10.26
C ASN A 202 12.38 -7.68 11.16
N ILE A 203 11.52 -6.99 11.91
CA ILE A 203 12.00 -5.91 12.77
C ILE A 203 12.97 -6.45 13.81
N VAL A 204 12.63 -7.57 14.42
CA VAL A 204 13.53 -8.17 15.40
C VAL A 204 14.90 -8.42 14.79
N ALA A 205 14.94 -8.92 13.54
CA ALA A 205 16.23 -9.22 12.92
C ALA A 205 17.07 -7.94 12.73
N LYS A 206 16.44 -6.83 12.33
CA LYS A 206 17.19 -5.58 12.19
C LYS A 206 17.62 -5.01 13.54
N TYR A 207 16.91 -5.37 14.62
CA TYR A 207 17.13 -4.80 15.95
C TYR A 207 16.97 -5.92 16.98
N PRO A 208 17.92 -6.85 17.01
CA PRO A 208 17.73 -8.08 17.81
C PRO A 208 17.41 -7.81 19.27
N HIS A 209 17.87 -6.67 19.79
CA HIS A 209 17.69 -6.36 21.19
C HIS A 209 16.24 -6.21 21.60
N ILE A 210 15.30 -6.24 20.65
CA ILE A 210 13.88 -6.09 20.97
C ILE A 210 13.25 -7.47 21.13
N ARG A 211 12.66 -7.71 22.29
CA ARG A 211 11.85 -8.90 22.50
C ARG A 211 10.46 -8.60 21.95
N GLY A 212 10.10 -9.21 20.84
CA GLY A 212 8.89 -8.85 20.14
C GLY A 212 7.70 -9.69 20.54
N ILE A 213 6.53 -9.06 20.52
CA ILE A 213 5.27 -9.71 20.84
C ILE A 213 4.33 -9.48 19.67
N ASN A 214 3.67 -10.53 19.23
CA ASN A 214 2.81 -10.51 18.05
C ASN A 214 1.40 -10.71 18.57
N PHE A 215 0.63 -9.62 18.60
CA PHE A 215 -0.70 -9.63 19.18
C PHE A 215 -1.73 -9.68 18.06
N GLU A 216 -2.56 -10.73 18.04
CA GLU A 216 -3.39 -10.98 16.88
C GLU A 216 -4.52 -11.92 17.25
N LEU A 217 -5.61 -11.84 16.48
CA LEU A 217 -6.75 -12.71 16.69
C LEU A 217 -6.31 -14.17 16.80
N PRO A 218 -6.79 -14.92 17.80
CA PRO A 218 -6.41 -16.33 17.94
C PRO A 218 -6.48 -17.12 16.66
N HIS A 219 -7.51 -16.92 15.84
CA HIS A 219 -7.70 -17.73 14.65
C HIS A 219 -6.64 -17.47 13.58
N VAL A 220 -5.79 -16.47 13.77
CA VAL A 220 -4.67 -16.19 12.87
C VAL A 220 -3.36 -16.75 13.41
N ILE A 221 -3.06 -16.47 14.69
CA ILE A 221 -1.78 -16.80 15.30
C ILE A 221 -1.64 -18.30 15.55
N GLY A 222 -2.61 -19.09 15.09
CA GLY A 222 -2.56 -20.51 15.39
C GLY A 222 -1.49 -21.14 14.54
N ASP A 223 -1.61 -20.87 13.24
CA ASP A 223 -0.67 -21.38 12.24
C ASP A 223 0.72 -20.80 12.39
N ALA A 224 0.86 -19.70 13.11
CA ALA A 224 2.10 -18.94 13.24
C ALA A 224 3.33 -19.84 13.42
N PRO A 225 4.38 -19.59 12.66
CA PRO A 225 5.64 -20.32 12.89
C PRO A 225 6.40 -19.69 14.04
N ASP A 226 7.34 -20.45 14.59
CA ASP A 226 8.19 -19.92 15.64
C ASP A 226 9.28 -19.06 15.00
N TYR A 227 9.14 -17.75 15.09
CA TYR A 227 10.22 -16.87 14.70
C TYR A 227 11.08 -16.52 15.90
N PRO A 228 12.40 -16.55 15.77
CA PRO A 228 13.25 -16.12 16.88
C PRO A 228 12.95 -14.68 17.26
N GLY A 229 12.92 -14.43 18.58
CA GLY A 229 12.65 -13.11 19.11
C GLY A 229 11.22 -12.63 18.91
N VAL A 230 10.29 -13.54 18.61
CA VAL A 230 8.90 -13.20 18.34
C VAL A 230 8.05 -14.16 19.15
N GLU A 231 7.20 -13.59 20.01
CA GLU A 231 6.30 -14.38 20.84
C GLU A 231 4.86 -14.10 20.40
N HIS A 232 4.08 -15.16 20.19
CA HIS A 232 2.68 -15.01 19.82
C HIS A 232 1.83 -15.00 21.09
N VAL A 233 0.96 -14.01 21.21
CA VAL A 233 -0.11 -14.01 22.19
C VAL A 233 -1.42 -13.61 21.50
N PRO A 234 -2.47 -14.41 21.57
CA PRO A 234 -3.73 -14.04 20.92
C PRO A 234 -4.55 -13.09 21.78
N GLY A 235 -5.53 -12.47 21.14
CA GLY A 235 -6.38 -11.48 21.80
C GLY A 235 -7.04 -10.56 20.81
N ASP A 236 -7.95 -9.73 21.34
CA ASP A 236 -8.77 -8.80 20.59
C ASP A 236 -8.39 -7.39 21.04
N MET A 237 -7.84 -6.60 20.12
CA MET A 237 -7.36 -5.27 20.48
C MET A 237 -8.46 -4.40 21.10
N PHE A 238 -9.73 -4.76 20.92
CA PHE A 238 -10.84 -3.99 21.43
C PHE A 238 -11.24 -4.38 22.83
N GLU A 239 -10.92 -5.60 23.26
CA GLU A 239 -11.05 -6.01 24.65
C GLU A 239 -9.79 -5.76 25.47
N GLY A 240 -8.76 -5.16 24.88
CA GLY A 240 -7.49 -4.97 25.58
C GLY A 240 -6.24 -5.28 24.78
N VAL A 241 -5.10 -4.78 25.25
CA VAL A 241 -3.82 -4.93 24.57
C VAL A 241 -2.82 -5.40 25.61
N PRO A 242 -2.03 -6.45 25.31
CA PRO A 242 -1.09 -6.97 26.31
C PRO A 242 -0.10 -5.89 26.74
N ASN A 243 0.27 -5.92 28.02
CA ASN A 243 1.19 -4.93 28.56
C ASN A 243 2.56 -5.09 27.91
N ALA A 244 3.18 -3.98 27.53
CA ALA A 244 4.54 -4.03 27.02
C ALA A 244 5.16 -2.65 27.05
N GLN A 245 6.48 -2.63 27.05
CA GLN A 245 7.21 -1.37 27.12
C GLN A 245 6.75 -0.40 26.03
N ASN A 246 6.56 -0.89 24.80
CA ASN A 246 6.16 -0.06 23.65
C ASN A 246 5.17 -0.82 22.78
N ILE A 247 4.42 -0.09 21.95
CA ILE A 247 3.41 -0.65 21.05
C ILE A 247 3.70 -0.21 19.62
N LEU A 248 3.39 -1.09 18.67
CA LEU A 248 3.51 -0.75 17.25
C LEU A 248 2.16 -0.90 16.56
N LEU A 249 1.76 0.15 15.82
CA LEU A 249 0.55 0.21 15.03
C LEU A 249 0.93 0.54 13.58
N LYS A 250 1.12 -0.48 12.74
CA LYS A 250 1.46 -0.25 11.32
C LYS A 250 0.21 -0.46 10.47
N TRP A 251 -0.21 0.60 9.76
CA TRP A 251 -1.41 0.62 8.93
C TRP A 251 -2.59 -0.08 9.61
N VAL A 252 -2.83 0.28 10.87
CA VAL A 252 -4.03 -0.16 11.56
C VAL A 252 -4.97 1.01 11.84
N LEU A 253 -4.43 2.16 12.26
CA LEU A 253 -5.30 3.30 12.50
C LEU A 253 -6.12 3.66 11.27
N HIS A 254 -5.57 3.48 10.06
CA HIS A 254 -6.30 3.97 8.90
C HIS A 254 -7.46 3.09 8.49
N ASP A 255 -7.60 1.91 9.08
CA ASP A 255 -8.78 1.11 8.78
C ASP A 255 -10.01 1.51 9.57
N TRP A 256 -9.88 2.42 10.53
CA TRP A 256 -10.96 2.67 11.48
C TRP A 256 -11.36 4.13 11.50
N ASP A 257 -12.64 4.37 11.74
CA ASP A 257 -13.12 5.72 11.97
C ASP A 257 -12.58 6.25 13.30
N ASP A 258 -12.78 7.55 13.54
CA ASP A 258 -12.17 8.14 14.74
C ASP A 258 -12.65 7.49 16.03
N ASP A 259 -13.90 7.01 16.11
CA ASP A 259 -14.35 6.41 17.37
C ASP A 259 -13.53 5.17 17.70
N ARG A 260 -13.39 4.25 16.74
CA ARG A 260 -12.73 2.98 17.05
C ARG A 260 -11.22 3.12 17.06
N SER A 261 -10.69 4.12 16.36
CA SER A 261 -9.29 4.49 16.57
C SER A 261 -9.06 4.91 18.00
N ILE A 262 -9.87 5.85 18.50
CA ILE A 262 -9.73 6.33 19.87
C ILE A 262 -9.91 5.17 20.85
N LYS A 263 -10.91 4.31 20.62
CA LYS A 263 -11.01 3.08 21.37
C LYS A 263 -9.70 2.29 21.36
N ILE A 264 -9.14 2.05 20.17
CA ILE A 264 -7.89 1.30 20.08
C ILE A 264 -6.79 2.02 20.87
N LEU A 265 -6.67 3.32 20.68
CA LEU A 265 -5.52 4.01 21.26
C LEU A 265 -5.65 4.17 22.77
N LYS A 266 -6.89 4.21 23.30
CA LYS A 266 -7.09 4.17 24.75
C LYS A 266 -6.63 2.83 25.31
N ASN A 267 -7.21 1.74 24.78
CA ASN A 267 -6.74 0.39 25.10
C ASN A 267 -5.24 0.25 24.96
N CYS A 268 -4.63 1.00 24.05
CA CYS A 268 -3.18 1.01 23.93
C CYS A 268 -2.56 1.63 25.16
N TRP A 269 -2.87 2.91 25.41
CA TRP A 269 -2.48 3.65 26.63
C TRP A 269 -2.46 2.82 27.91
N LYS A 270 -3.51 2.01 28.13
CA LYS A 270 -3.57 1.19 29.34
C LYS A 270 -2.37 0.27 29.47
N ALA A 271 -1.95 -0.38 28.40
CA ALA A 271 -0.91 -1.39 28.54
C ALA A 271 0.46 -0.80 28.63
N LEU A 272 0.57 0.42 28.16
CA LEU A 272 1.88 1.02 28.15
C LEU A 272 2.22 1.47 29.52
N PRO A 273 3.51 1.53 29.81
CA PRO A 273 3.92 2.05 31.10
C PRO A 273 4.05 3.52 30.95
N GLU A 274 4.56 4.18 31.98
CA GLU A 274 4.82 5.58 31.83
C GLU A 274 5.99 5.64 30.89
N ASN A 275 6.13 6.76 30.20
CA ASN A 275 7.21 6.92 29.24
C ASN A 275 7.11 5.94 28.09
N GLY A 276 6.05 5.15 28.03
CA GLY A 276 5.90 4.28 26.88
C GLY A 276 5.40 5.02 25.66
N THR A 277 5.64 4.42 24.50
CA THR A 277 5.31 5.00 23.21
C THR A 277 4.52 4.02 22.37
N VAL A 278 3.51 4.54 21.67
CA VAL A 278 2.88 3.83 20.58
C VAL A 278 3.53 4.34 19.30
N ILE A 279 4.17 3.44 18.55
CA ILE A 279 4.69 3.75 17.22
C ILE A 279 3.55 3.54 16.23
N VAL A 280 3.26 4.57 15.45
CA VAL A 280 2.26 4.50 14.40
C VAL A 280 3.00 4.63 13.07
N ILE A 281 2.74 3.70 12.14
CA ILE A 281 3.27 3.75 10.77
C ILE A 281 2.09 3.92 9.83
N GLU A 282 1.99 5.08 9.20
CA GLU A 282 0.90 5.35 8.27
C GLU A 282 1.41 6.27 7.17
N PHE A 283 0.63 6.38 6.11
CA PHE A 283 0.82 7.49 5.20
C PHE A 283 0.00 8.67 5.72
N VAL A 284 0.49 9.87 5.47
CA VAL A 284 -0.15 11.05 6.02
C VAL A 284 -0.56 11.99 4.90
N LEU A 285 -1.87 12.15 4.76
CA LEU A 285 -2.51 13.21 4.00
C LEU A 285 -1.85 14.54 4.31
N PRO A 286 -1.16 15.14 3.34
CA PRO A 286 -0.48 16.43 3.60
C PRO A 286 -1.49 17.54 3.75
N GLN A 287 -1.10 18.58 4.50
CA GLN A 287 -2.02 19.68 4.78
C GLN A 287 -2.46 20.37 3.49
N VAL A 288 -1.61 20.35 2.46
CA VAL A 288 -1.88 20.98 1.18
C VAL A 288 -1.66 19.94 0.09
N LEU A 289 -2.72 19.57 -0.63
CA LEU A 289 -2.60 18.59 -1.71
C LEU A 289 -2.16 19.24 -3.01
N GLY A 290 -1.22 18.60 -3.69
CA GLY A 290 -0.84 19.00 -5.01
C GLY A 290 -0.63 17.77 -5.86
N ASN A 291 -0.28 18.00 -7.11
CA ASN A 291 0.02 16.89 -8.01
C ASN A 291 1.43 16.41 -7.67
N ASN A 292 1.55 15.53 -6.68
CA ASN A 292 2.86 15.08 -6.26
C ASN A 292 2.75 13.71 -5.61
N ALA A 293 3.90 13.07 -5.39
CA ALA A 293 3.91 11.73 -4.81
C ALA A 293 3.33 11.74 -3.41
N GLU A 294 3.71 12.72 -2.59
CA GLU A 294 3.25 12.76 -1.19
C GLU A 294 1.74 12.73 -1.13
N SER A 295 1.08 13.58 -1.92
CA SER A 295 -0.38 13.58 -1.94
C SER A 295 -0.92 12.21 -2.33
N PHE A 296 -0.62 11.74 -3.56
CA PHE A 296 -1.32 10.59 -4.11
C PHE A 296 -1.09 9.34 -3.27
N ASN A 297 0.03 9.26 -2.56
CA ASN A 297 0.26 8.13 -1.65
C ASN A 297 -0.74 8.09 -0.50
N ALA A 298 -1.47 9.19 -0.24
CA ALA A 298 -2.55 9.15 0.72
C ALA A 298 -3.92 9.21 0.05
N LEU A 299 -4.05 9.96 -1.05
CA LEU A 299 -5.34 10.02 -1.74
C LEU A 299 -5.76 8.67 -2.31
N THR A 300 -4.82 7.87 -2.85
CA THR A 300 -5.29 6.65 -3.50
C THR A 300 -5.67 5.56 -2.49
N PRO A 301 -4.91 5.33 -1.41
CA PRO A 301 -5.46 4.45 -0.36
C PRO A 301 -6.76 4.97 0.21
N ASP A 302 -6.91 6.29 0.33
CA ASP A 302 -8.17 6.80 0.87
C ASP A 302 -9.33 6.48 -0.07
N LEU A 303 -9.07 6.45 -1.38
CA LEU A 303 -10.14 6.16 -2.31
C LEU A 303 -10.43 4.67 -2.36
N LEU A 304 -9.39 3.84 -2.22
CA LEU A 304 -9.60 2.40 -2.11
C LEU A 304 -10.55 2.09 -0.96
N MET A 305 -10.21 2.57 0.24
CA MET A 305 -11.08 2.37 1.40
C MET A 305 -12.48 2.90 1.15
N MET A 306 -12.59 4.07 0.53
CA MET A 306 -13.92 4.55 0.14
C MET A 306 -14.73 3.47 -0.56
N ALA A 307 -14.09 2.58 -1.32
CA ALA A 307 -14.81 1.52 -2.01
C ALA A 307 -14.97 0.27 -1.15
N LEU A 308 -13.93 -0.07 -0.39
CA LEU A 308 -13.88 -1.30 0.38
C LEU A 308 -14.21 -1.11 1.86
N ASN A 309 -13.93 0.07 2.44
CA ASN A 309 -13.98 0.25 3.89
C ASN A 309 -14.26 1.73 4.21
N PRO A 310 -15.43 2.25 3.84
CA PRO A 310 -15.60 3.71 3.84
C PRO A 310 -15.40 4.33 5.21
N GLY A 311 -15.60 3.55 6.28
CA GLY A 311 -15.23 4.01 7.61
C GLY A 311 -13.76 4.30 7.78
N GLY A 312 -12.90 3.56 7.09
CA GLY A 312 -11.49 3.86 7.17
C GLY A 312 -11.13 5.12 6.42
N LYS A 313 -9.98 5.71 6.75
CA LYS A 313 -9.66 6.97 6.11
C LYS A 313 -8.23 7.34 6.44
N GLU A 314 -7.62 8.07 5.51
CA GLU A 314 -6.31 8.64 5.78
C GLU A 314 -6.46 9.97 6.51
N ARG A 315 -5.41 10.33 7.23
CA ARG A 315 -5.51 11.42 8.19
C ARG A 315 -4.27 12.30 8.05
N THR A 316 -4.38 13.51 8.60
CA THR A 316 -3.30 14.48 8.60
C THR A 316 -2.57 14.43 9.94
N THR A 317 -1.41 15.07 9.99
CA THR A 317 -0.68 15.25 11.25
C THR A 317 -1.60 15.80 12.34
N ILE A 318 -2.30 16.88 12.02
CA ILE A 318 -3.23 17.48 12.96
C ILE A 318 -4.21 16.43 13.47
N GLU A 319 -4.91 15.77 12.55
CA GLU A 319 -5.91 14.79 12.95
C GLU A 319 -5.31 13.64 13.73
N PHE A 320 -4.09 13.23 13.41
CA PHE A 320 -3.50 12.12 14.14
C PHE A 320 -3.23 12.52 15.57
N ASP A 321 -2.66 13.72 15.77
CA ASP A 321 -2.48 14.24 17.12
C ASP A 321 -3.80 14.31 17.88
N GLY A 322 -4.87 14.69 17.16
CA GLY A 322 -6.19 14.72 17.78
C GLY A 322 -6.65 13.36 18.29
N LEU A 323 -6.34 12.29 17.54
CA LEU A 323 -6.68 10.96 18.03
C LEU A 323 -5.85 10.61 19.26
N ALA A 324 -4.58 11.02 19.27
CA ALA A 324 -3.71 10.66 20.37
C ALA A 324 -4.13 11.41 21.64
N LYS A 325 -4.35 12.71 21.54
CA LYS A 325 -4.78 13.46 22.73
C LYS A 325 -6.14 12.97 23.20
N ALA A 326 -7.04 12.60 22.28
CA ALA A 326 -8.36 12.16 22.72
C ALA A 326 -8.28 10.87 23.52
N ALA A 327 -7.29 10.04 23.24
CA ALA A 327 -7.11 8.75 23.89
C ALA A 327 -6.34 8.85 25.21
N GLY A 328 -5.69 9.97 25.46
CA GLY A 328 -4.98 10.19 26.70
C GLY A 328 -3.48 10.32 26.58
N PHE A 329 -2.95 10.43 25.37
CA PHE A 329 -1.51 10.50 25.20
C PHE A 329 -1.06 11.94 25.36
N ALA A 330 0.16 12.10 25.89
CA ALA A 330 0.67 13.37 26.38
C ALA A 330 1.38 14.20 25.32
N GLU A 331 2.25 13.57 24.54
CA GLU A 331 3.02 14.29 23.55
C GLU A 331 3.12 13.42 22.30
N THR A 332 3.23 14.08 21.15
CA THR A 332 3.29 13.37 19.88
C THR A 332 4.46 13.93 19.07
N LYS A 333 5.31 13.04 18.57
CA LYS A 333 6.41 13.42 17.69
C LYS A 333 6.17 12.86 16.28
N PHE A 334 6.53 13.62 15.26
CA PHE A 334 6.31 13.22 13.86
C PHE A 334 7.65 13.14 13.15
N PHE A 335 7.95 11.98 12.55
CA PHE A 335 9.15 11.76 11.75
C PHE A 335 8.79 11.34 10.33
N PRO A 336 8.67 12.29 9.40
CA PRO A 336 8.44 11.90 8.00
C PRO A 336 9.61 11.10 7.45
N ILE A 337 9.27 10.00 6.77
CA ILE A 337 10.30 9.17 6.16
C ILE A 337 10.53 9.68 4.74
N SER A 338 9.55 9.43 3.87
CA SER A 338 9.65 9.85 2.49
C SER A 338 8.26 9.78 1.87
N GLN A 339 7.95 10.71 0.96
CA GLN A 339 6.79 10.61 0.08
C GLN A 339 5.47 10.62 0.84
N GLY A 340 5.46 11.08 2.09
CA GLY A 340 4.24 11.10 2.88
C GLY A 340 4.17 10.00 3.92
N LEU A 341 5.03 8.99 3.81
CA LEU A 341 5.12 7.99 4.86
C LEU A 341 5.68 8.63 6.11
N HIS A 342 5.06 8.32 7.25
CA HIS A 342 5.47 8.84 8.54
C HIS A 342 5.61 7.71 9.54
N VAL A 343 6.57 7.87 10.43
CA VAL A 343 6.58 7.18 11.72
C VAL A 343 6.21 8.22 12.75
N MET A 344 5.26 7.88 13.61
CA MET A 344 4.77 8.78 14.65
C MET A 344 4.76 8.05 15.97
N GLU A 345 5.21 8.72 17.02
CA GLU A 345 5.19 8.18 18.37
C GLU A 345 4.17 8.93 19.23
N PHE A 346 3.29 8.17 19.89
CA PHE A 346 2.38 8.69 20.90
C PHE A 346 3.00 8.41 22.26
N HIS A 347 3.42 9.46 22.96
CA HIS A 347 4.11 9.34 24.23
C HIS A 347 3.13 9.43 25.41
N LYS A 348 3.44 8.70 26.48
CA LYS A 348 2.60 8.62 27.69
C LYS A 348 3.41 9.20 28.86
N ILE A 349 3.39 10.53 29.00
CA ILE A 349 4.15 11.19 30.08
C ILE A 349 3.27 12.15 30.89
#